data_9D0Q
#
_entry.id   9D0Q
#
_cell.length_a   95.232
_cell.length_b   98.449
_cell.length_c   159.434
_cell.angle_alpha   90.00
_cell.angle_beta   90.00
_cell.angle_gamma   90.00
#
_symmetry.space_group_name_H-M   'C 2 2 21'
#
loop_
_entity.id
_entity.type
_entity.pdbx_description
1 polymer 'Wee1-like protein kinase'
2 non-polymer 1-[(6R)-6-(2,6-dichlorophenyl)-8-methyl-2-[4-(4-methylpiperazin-1-yl)anilino]-7,8-dihydropteridin-5(6H)-yl]ethan-1-one
3 non-polymer 'SODIUM ION'
4 non-polymer 'CHLORIDE ION'
5 water water
#
_entity_poly.entity_id   1
_entity_poly.type   'polypeptide(L)'
_entity_poly.pdbx_seq_one_letter_code
;GAMGMKSRYTTEFHELEKIGSGEFGSVFKCVKRLDGCIYAIKRSKKPLAGSVDEQNALREVYAHAVLGQHSHVVRYFSAW
AEDDHMLIQNEYCNGGSLADAISENYRIMSYFKEAELKDLLLQVGRGLRYIHSMSLVHMDIKPSNIFISRTSIPNAASEE
GDEDDWASNKVMFKIGDLGHVTRISSPQVEEGDSRFLANEVLQENYTHLPKADIFALALTVVCAAGAEPLPRNGDQWHEI
RQGRLPRIPQVLSQEFTELLKVMIHPDPERRPSAMALVKHSVLLSASRK
;
_entity_poly.pdbx_strand_id   A,B
#
# COMPACT_ATOMS: atom_id res chain seq x y z
N ALA A 2 20.95 26.04 -1.61
CA ALA A 2 20.44 27.36 -2.01
C ALA A 2 19.78 27.30 -3.37
N MET A 3 18.83 28.21 -3.54
CA MET A 3 17.90 28.22 -4.66
C MET A 3 18.28 29.33 -5.62
N GLY A 4 17.85 29.22 -6.87
CA GLY A 4 18.20 30.23 -7.85
C GLY A 4 17.25 31.41 -7.81
N MET A 5 17.74 32.56 -8.24
CA MET A 5 16.92 33.77 -8.16
C MET A 5 15.79 33.85 -9.19
N LYS A 6 15.69 32.86 -10.07
CA LYS A 6 14.53 32.67 -10.91
C LYS A 6 13.76 31.40 -10.53
N SER A 7 14.08 30.82 -9.38
CA SER A 7 13.34 29.66 -8.86
C SER A 7 11.90 30.02 -8.54
N ARG A 8 11.02 29.03 -8.64
CA ARG A 8 9.66 29.17 -8.12
C ARG A 8 9.64 29.65 -6.69
N TYR A 9 10.53 29.08 -5.87
CA TYR A 9 10.64 29.46 -4.48
C TYR A 9 10.99 30.93 -4.27
N THR A 10 11.93 31.42 -5.04
CA THR A 10 12.41 32.78 -4.83
C THR A 10 11.46 33.79 -5.45
N THR A 11 10.88 33.42 -6.59
CA THR A 11 9.99 34.35 -7.26
C THR A 11 8.62 34.43 -6.57
N GLU A 12 8.09 33.28 -6.18
CA GLU A 12 6.73 33.28 -5.68
C GLU A 12 6.64 33.51 -4.18
N PHE A 13 7.74 33.36 -3.45
CA PHE A 13 7.72 33.49 -2.00
C PHE A 13 8.76 34.45 -1.54
N HIS A 14 8.41 35.21 -0.53
CA HIS A 14 9.37 35.97 0.24
C HIS A 14 9.70 35.22 1.52
N GLU A 15 10.91 34.73 1.61
CA GLU A 15 11.35 33.99 2.77
C GLU A 15 11.55 34.90 3.98
N LEU A 16 11.06 34.45 5.12
CA LEU A 16 11.25 35.16 6.35
C LEU A 16 12.22 34.32 7.21
N GLU A 17 11.77 34.03 8.41
CA GLU A 17 12.44 33.31 9.46
C GLU A 17 12.66 31.82 9.15
N LYS A 18 13.80 31.29 9.54
CA LYS A 18 13.96 29.84 9.55
C LYS A 18 13.26 29.27 10.79
N ILE A 19 12.54 28.17 10.63
CA ILE A 19 11.70 27.65 11.70
C ILE A 19 11.97 26.18 12.01
N GLY A 20 12.76 25.52 11.19
CA GLY A 20 13.14 24.17 11.54
C GLY A 20 14.32 23.76 10.70
N SER A 21 14.95 22.67 11.12
CA SER A 21 16.16 22.18 10.51
C SER A 21 16.18 20.67 10.57
N GLY A 22 16.61 20.06 9.49
CA GLY A 22 16.87 18.64 9.46
C GLY A 22 18.27 18.40 8.96
N GLU A 23 18.57 17.13 8.76
CA GLU A 23 19.86 16.72 8.20
C GLU A 23 20.14 17.33 6.83
N PHE A 24 19.20 17.10 5.92
CA PHE A 24 19.38 17.57 4.54
C PHE A 24 18.37 18.64 4.19
N GLY A 25 17.92 19.46 5.14
CA GLY A 25 16.98 20.51 4.76
C GLY A 25 16.64 21.47 5.86
N SER A 26 15.73 22.38 5.55
CA SER A 26 15.25 23.32 6.55
C SER A 26 13.84 23.80 6.22
N VAL A 27 13.22 24.44 7.20
CA VAL A 27 11.87 24.96 7.03
C VAL A 27 11.90 26.45 7.24
N PHE A 28 11.26 27.16 6.31
CA PHE A 28 11.15 28.60 6.45
C PHE A 28 9.71 28.99 6.60
N LYS A 29 9.50 30.03 7.38
CA LYS A 29 8.27 30.81 7.37
C LYS A 29 8.39 31.76 6.17
N CYS A 30 7.47 31.69 5.22
CA CYS A 30 7.53 32.50 4.00
C CYS A 30 6.21 33.15 3.74
N VAL A 31 6.22 34.27 3.03
CA VAL A 31 5.00 34.88 2.49
C VAL A 31 4.92 34.55 1.03
N LYS A 32 3.78 34.04 0.57
CA LYS A 32 3.58 33.88 -0.87
C LYS A 32 3.17 35.23 -1.39
N ARG A 33 3.86 35.66 -2.44
CA ARG A 33 3.71 37.06 -2.87
C ARG A 33 2.34 37.33 -3.45
N LEU A 34 1.82 36.37 -4.22
CA LEU A 34 0.55 36.57 -4.87
C LEU A 34 -0.64 36.59 -3.93
N ASP A 35 -0.59 35.89 -2.79
CA ASP A 35 -1.76 35.87 -1.91
C ASP A 35 -1.55 36.59 -0.58
N GLY A 36 -0.30 36.90 -0.23
CA GLY A 36 -0.08 37.68 0.99
C GLY A 36 -0.04 36.87 2.27
N CYS A 37 -0.23 35.56 2.17
CA CYS A 37 -0.34 34.70 3.36
C CYS A 37 0.94 34.00 3.66
N ILE A 38 1.08 33.64 4.92
CA ILE A 38 2.28 32.97 5.38
C ILE A 38 2.09 31.47 5.33
N TYR A 39 3.15 30.77 4.95
CA TYR A 39 3.23 29.32 4.83
C TYR A 39 4.53 28.84 5.45
N ALA A 40 4.55 27.55 5.73
CA ALA A 40 5.82 26.90 6.06
C ALA A 40 6.28 26.19 4.84
N ILE A 41 7.54 26.41 4.45
CA ILE A 41 8.06 25.71 3.29
C ILE A 41 9.29 24.96 3.70
N LYS A 42 9.22 23.65 3.57
CA LYS A 42 10.36 22.80 3.84
C LYS A 42 11.06 22.58 2.54
N ARG A 43 12.35 22.85 2.52
CA ARG A 43 13.15 22.56 1.35
C ARG A 43 14.26 21.62 1.77
N SER A 44 14.32 20.51 1.09
CA SER A 44 15.24 19.43 1.41
C SER A 44 15.98 19.12 0.13
N LYS A 45 17.13 18.47 0.24
CA LYS A 45 17.80 17.94 -0.95
C LYS A 45 16.87 16.99 -1.69
N LYS A 46 16.79 17.19 -2.99
CA LYS A 46 15.90 16.37 -3.80
C LYS A 46 16.31 14.91 -3.72
N PRO A 47 15.40 13.97 -3.45
CA PRO A 47 15.77 12.58 -3.47
C PRO A 47 16.10 12.15 -4.88
N LEU A 48 16.94 11.14 -4.98
CA LEU A 48 17.35 10.65 -6.28
C LEU A 48 16.14 10.11 -7.02
N ALA A 49 15.98 10.58 -8.24
CA ALA A 49 14.79 10.25 -9.01
C ALA A 49 14.69 8.75 -9.25
N GLY A 50 13.54 8.18 -8.97
CA GLY A 50 13.38 6.75 -9.13
C GLY A 50 13.86 5.92 -7.95
N SER A 51 14.37 6.55 -6.91
CA SER A 51 14.91 5.81 -5.77
C SER A 51 13.85 5.49 -4.74
N VAL A 52 14.20 4.58 -3.84
CA VAL A 52 13.40 4.35 -2.65
C VAL A 52 13.27 5.58 -1.76
N ASP A 53 14.30 6.42 -1.69
CA ASP A 53 14.15 7.69 -0.97
C ASP A 53 13.13 8.60 -1.61
N GLU A 54 13.11 8.63 -2.94
CA GLU A 54 12.04 9.35 -3.60
C GLU A 54 10.67 8.80 -3.27
N GLN A 55 10.54 7.47 -3.28
CA GLN A 55 9.28 6.83 -2.92
C GLN A 55 8.74 7.28 -1.58
N ASN A 56 9.63 7.29 -0.60
CA ASN A 56 9.28 7.73 0.74
C ASN A 56 8.90 9.20 0.79
N ALA A 57 9.65 10.05 0.08
CA ALA A 57 9.29 11.47 -0.03
C ALA A 57 7.95 11.73 -0.69
N LEU A 58 7.65 11.00 -1.75
CA LEU A 58 6.38 11.17 -2.44
C LEU A 58 5.20 10.63 -1.66
N ARG A 59 5.41 9.57 -0.87
CA ARG A 59 4.37 9.10 0.05
C ARG A 59 3.88 10.16 1.03
N GLU A 60 4.81 10.95 1.56
CA GLU A 60 4.46 12.11 2.40
C GLU A 60 3.56 13.11 1.70
N VAL A 61 3.94 13.44 0.46
CA VAL A 61 3.15 14.38 -0.31
C VAL A 61 1.80 13.78 -0.65
N TYR A 62 1.80 12.51 -1.02
CA TYR A 62 0.53 11.83 -1.26
C TYR A 62 -0.36 11.77 -0.02
N ALA A 63 0.20 11.47 1.15
CA ALA A 63 -0.56 11.50 2.40
C ALA A 63 -1.18 12.86 2.66
N HIS A 64 -0.36 13.89 2.48
CA HIS A 64 -0.88 15.24 2.58
C HIS A 64 -2.02 15.59 1.65
N ALA A 65 -1.90 15.13 0.43
CA ALA A 65 -2.94 15.41 -0.53
C ALA A 65 -4.24 14.69 -0.20
N VAL A 66 -4.14 13.49 0.35
CA VAL A 66 -5.32 12.77 0.82
C VAL A 66 -5.89 13.32 2.12
N LEU A 67 -5.03 13.68 3.06
CA LEU A 67 -5.46 13.91 4.43
C LEU A 67 -5.58 15.36 4.85
N GLY A 68 -5.09 16.25 4.02
CA GLY A 68 -4.84 17.56 4.59
C GLY A 68 -6.08 18.41 4.68
N GLN A 69 -7.17 18.05 3.98
CA GLN A 69 -8.46 18.68 4.22
C GLN A 69 -9.04 18.63 5.66
N HIS A 70 -8.66 17.67 6.49
CA HIS A 70 -9.26 17.61 7.83
C HIS A 70 -8.78 18.74 8.71
N SER A 71 -9.66 19.22 9.57
CA SER A 71 -9.35 20.37 10.45
C SER A 71 -8.23 20.10 11.47
N HIS A 72 -7.99 18.83 11.77
CA HIS A 72 -6.94 18.43 12.73
C HIS A 72 -5.79 17.70 12.04
N VAL A 73 -5.60 17.95 10.75
CA VAL A 73 -4.42 17.51 10.04
C VAL A 73 -3.90 18.74 9.36
N VAL A 74 -2.60 18.93 9.32
CA VAL A 74 -2.00 20.10 8.66
C VAL A 74 -2.38 20.17 7.17
N ARG A 75 -2.76 21.36 6.72
CA ARG A 75 -3.02 21.56 5.30
C ARG A 75 -1.76 21.61 4.48
N TYR A 76 -1.83 20.96 3.35
CA TYR A 76 -0.84 21.06 2.33
C TYR A 76 -1.37 21.92 1.18
N PHE A 77 -0.43 22.63 0.57
CA PHE A 77 -0.77 23.53 -0.54
C PHE A 77 -0.10 23.08 -1.79
N SER A 78 1.22 22.85 -1.73
CA SER A 78 1.91 22.47 -2.94
C SER A 78 3.20 21.76 -2.62
N ALA A 79 3.71 21.04 -3.61
CA ALA A 79 5.03 20.43 -3.55
C ALA A 79 5.61 20.51 -4.93
N TRP A 80 6.92 20.70 -5.03
CA TRP A 80 7.58 20.77 -6.32
C TRP A 80 9.07 20.49 -6.12
N ALA A 81 9.81 20.40 -7.21
CA ALA A 81 11.26 20.21 -7.13
C ALA A 81 12.00 21.11 -8.10
N GLU A 82 13.07 21.72 -7.62
CA GLU A 82 13.88 22.65 -8.40
C GLU A 82 15.20 22.83 -7.70
N ASP A 83 16.25 23.12 -8.45
CA ASP A 83 17.56 23.50 -7.89
C ASP A 83 18.17 22.39 -7.02
N ASP A 84 17.82 21.15 -7.37
CA ASP A 84 18.19 20.00 -6.56
C ASP A 84 17.52 19.93 -5.20
N HIS A 85 16.41 20.64 -5.04
CA HIS A 85 15.66 20.61 -3.79
C HIS A 85 14.28 20.06 -4.05
N MET A 86 13.70 19.40 -3.06
CA MET A 86 12.27 19.13 -3.06
C MET A 86 11.65 20.02 -2.00
N LEU A 87 10.54 20.62 -2.38
CA LEU A 87 9.88 21.65 -1.60
C LEU A 87 8.45 21.26 -1.29
N ILE A 88 8.01 21.52 -0.08
CA ILE A 88 6.61 21.27 0.30
C ILE A 88 6.16 22.52 1.00
N GLN A 89 5.07 23.10 0.53
CA GLN A 89 4.46 24.26 1.13
C GLN A 89 3.23 23.81 1.89
N ASN A 90 3.30 23.96 3.20
CA ASN A 90 2.21 23.60 4.09
C ASN A 90 1.72 24.84 4.80
N GLU A 91 0.59 24.70 5.49
CA GLU A 91 0.15 25.80 6.35
C GLU A 91 1.19 26.05 7.43
N TYR A 92 1.37 27.31 7.74
CA TYR A 92 2.21 27.69 8.83
C TYR A 92 1.38 27.64 10.10
N CYS A 93 1.89 26.99 11.13
CA CYS A 93 1.21 26.95 12.41
C CYS A 93 1.97 27.83 13.38
N ASN A 94 1.29 28.86 13.84
CA ASN A 94 1.94 29.93 14.58
C ASN A 94 2.37 29.55 15.99
N GLY A 95 1.86 28.45 16.52
CA GLY A 95 2.28 28.01 17.84
C GLY A 95 3.38 26.98 17.79
N GLY A 96 3.92 26.69 16.60
CA GLY A 96 4.97 25.69 16.54
C GLY A 96 4.44 24.31 16.79
N SER A 97 5.33 23.41 17.13
CA SER A 97 4.86 22.06 17.49
C SER A 97 4.49 22.01 18.95
N LEU A 98 3.76 20.96 19.33
CA LEU A 98 3.57 20.61 20.72
C LEU A 98 4.88 20.38 21.46
N ALA A 99 5.91 19.88 20.78
CA ALA A 99 7.21 19.75 21.45
C ALA A 99 7.78 21.11 21.81
N ASP A 100 7.60 22.07 20.92
CA ASP A 100 8.00 23.43 21.21
C ASP A 100 7.18 24.06 22.35
N ALA A 101 5.87 23.84 22.34
CA ALA A 101 5.04 24.32 23.45
C ALA A 101 5.35 23.64 24.77
N ILE A 102 5.70 22.37 24.74
CA ILE A 102 6.16 21.70 25.95
C ILE A 102 7.46 22.28 26.46
N SER A 103 8.39 22.56 25.55
CA SER A 103 9.69 23.04 26.00
C SER A 103 9.59 24.45 26.58
N GLU A 104 8.73 25.26 25.99
CA GLU A 104 8.41 26.55 26.55
C GLU A 104 7.78 26.47 27.94
N ASN A 105 6.81 25.57 28.08
CA ASN A 105 6.29 25.23 29.39
C ASN A 105 7.31 24.80 30.41
N TYR A 106 8.21 23.93 29.99
CA TYR A 106 9.21 23.42 30.90
C TYR A 106 10.16 24.50 31.40
N ARG A 107 10.49 25.41 30.49
CA ARG A 107 11.36 26.54 30.79
C ARG A 107 10.81 27.49 31.85
N ILE A 108 9.49 27.58 31.93
CA ILE A 108 8.80 28.40 32.91
C ILE A 108 8.17 27.55 34.01
N MET A 109 8.62 26.30 34.11
CA MET A 109 8.23 25.46 35.23
C MET A 109 6.73 25.11 35.24
N SER A 110 6.18 24.93 34.04
CA SER A 110 4.77 24.67 33.84
C SER A 110 4.55 23.46 32.92
N TYR A 111 3.31 23.26 32.55
CA TYR A 111 2.84 22.09 31.83
C TYR A 111 1.42 22.37 31.44
N PHE A 112 0.87 21.52 30.58
CA PHE A 112 -0.53 21.61 30.25
C PHE A 112 -1.31 21.05 31.41
N LYS A 113 -2.23 21.86 31.90
CA LYS A 113 -3.15 21.44 32.94
C LYS A 113 -4.29 20.64 32.34
N GLU A 114 -5.06 19.96 33.18
CA GLU A 114 -5.99 18.93 32.72
C GLU A 114 -6.99 19.32 31.65
N ALA A 115 -7.50 20.55 31.73
CA ALA A 115 -8.44 20.97 30.70
C ALA A 115 -7.76 21.12 29.34
N GLU A 116 -6.53 21.62 29.35
CA GLU A 116 -5.76 21.73 28.11
C GLU A 116 -5.41 20.36 27.52
N LEU A 117 -5.14 19.40 28.40
CA LEU A 117 -4.82 18.03 27.96
C LEU A 117 -5.99 17.29 27.34
N LYS A 118 -7.17 17.49 27.92
CA LYS A 118 -8.37 16.93 27.31
C LYS A 118 -8.66 17.53 25.92
N ASP A 119 -8.42 18.83 25.80
CA ASP A 119 -8.52 19.51 24.50
C ASP A 119 -7.55 18.96 23.45
N LEU A 120 -6.28 18.85 23.85
CA LEU A 120 -5.29 18.14 23.03
C LEU A 120 -5.69 16.76 22.59
N LEU A 121 -6.14 15.99 23.58
CA LEU A 121 -6.44 14.63 23.29
C LEU A 121 -7.62 14.49 22.36
N LEU A 122 -8.61 15.33 22.59
CA LEU A 122 -9.79 15.24 21.76
C LEU A 122 -9.46 15.63 20.31
N GLN A 123 -8.76 16.75 20.16
CA GLN A 123 -8.47 17.26 18.83
C GLN A 123 -7.58 16.38 17.97
N VAL A 124 -6.49 15.88 18.57
CA VAL A 124 -5.65 14.93 17.83
C VAL A 124 -6.37 13.61 17.60
N GLY A 125 -7.24 13.23 18.53
CA GLY A 125 -8.02 12.02 18.30
C GLY A 125 -9.02 12.17 17.16
N ARG A 126 -9.59 13.37 17.01
CA ARG A 126 -10.37 13.67 15.80
C ARG A 126 -9.56 13.46 14.54
N GLY A 127 -8.37 14.07 14.55
CA GLY A 127 -7.33 13.80 13.54
C GLY A 127 -7.06 12.35 13.22
N LEU A 128 -6.82 11.55 14.26
CA LEU A 128 -6.60 10.12 14.03
C LEU A 128 -7.83 9.40 13.54
N ARG A 129 -9.00 9.82 14.01
CA ARG A 129 -10.20 9.16 13.56
C ARG A 129 -10.36 9.30 12.04
N TYR A 130 -10.06 10.50 11.56
CA TYR A 130 -10.05 10.74 10.13
C TYR A 130 -9.03 9.90 9.42
N ILE A 131 -7.78 9.95 9.87
CA ILE A 131 -6.75 9.14 9.22
C ILE A 131 -7.09 7.65 9.16
N HIS A 132 -7.62 7.14 10.26
CA HIS A 132 -7.95 5.73 10.29
C HIS A 132 -9.15 5.42 9.42
N SER A 133 -10.11 6.34 9.37
CA SER A 133 -11.25 6.19 8.46
C SER A 133 -10.88 6.11 6.98
N MET A 134 -9.73 6.68 6.64
CA MET A 134 -9.19 6.65 5.30
C MET A 134 -8.26 5.46 5.08
N SER A 135 -8.24 4.53 6.02
CA SER A 135 -7.43 3.31 5.84
C SER A 135 -5.95 3.51 5.94
N LEU A 136 -5.59 4.59 6.63
CA LEU A 136 -4.21 4.99 6.82
C LEU A 136 -3.91 5.04 8.30
N VAL A 137 -2.64 4.96 8.65
CA VAL A 137 -2.16 5.08 10.01
C VAL A 137 -1.03 6.08 9.97
N HIS A 138 -0.86 6.85 11.04
CA HIS A 138 0.16 7.89 11.02
C HIS A 138 1.56 7.33 11.27
N MET A 139 1.65 6.47 12.28
CA MET A 139 2.90 5.76 12.60
C MET A 139 4.00 6.61 13.21
N ASP A 140 3.76 7.88 13.52
CA ASP A 140 4.82 8.69 14.12
C ASP A 140 4.27 9.81 15.00
N ILE A 141 3.20 9.52 15.74
CA ILE A 141 2.60 10.57 16.57
C ILE A 141 3.52 10.81 17.76
N LYS A 142 3.79 12.07 17.98
CA LYS A 142 4.69 12.51 19.04
C LYS A 142 4.55 14.01 19.07
N PRO A 143 4.94 14.69 20.15
CA PRO A 143 4.81 16.14 20.22
C PRO A 143 5.41 16.96 19.10
N SER A 144 6.56 16.54 18.59
CA SER A 144 7.18 17.33 17.52
C SER A 144 6.44 17.23 16.19
N ASN A 145 5.49 16.29 16.09
CA ASN A 145 4.67 16.12 14.88
C ASN A 145 3.25 16.61 15.07
N ILE A 146 2.96 17.21 16.22
CA ILE A 146 1.64 17.84 16.45
C ILE A 146 1.87 19.34 16.39
N PHE A 147 1.08 20.07 15.62
CA PHE A 147 1.32 21.50 15.44
C PHE A 147 0.19 22.33 16.02
N ILE A 148 0.52 23.54 16.39
CA ILE A 148 -0.42 24.37 17.12
C ILE A 148 -0.70 25.63 16.34
N SER A 149 -1.99 25.95 16.19
CA SER A 149 -2.42 27.20 15.61
C SER A 149 -3.30 27.93 16.62
N ARG A 150 -2.92 29.15 16.95
CA ARG A 150 -3.71 29.99 17.82
C ARG A 150 -4.24 31.12 16.99
N THR A 151 -5.55 31.21 16.94
CA THR A 151 -6.23 32.18 16.07
C THR A 151 -7.18 33.02 16.88
N SER A 152 -7.48 34.16 16.27
CA SER A 152 -8.43 35.12 16.79
C SER A 152 -9.46 35.32 15.70
N ILE A 153 -10.72 35.23 16.09
CA ILE A 153 -11.81 35.37 15.15
C ILE A 153 -12.41 36.74 15.46
N PRO A 154 -12.40 37.71 14.53
CA PRO A 154 -12.84 39.07 14.83
C PRO A 154 -14.31 39.30 15.14
N ASN A 155 -15.17 38.44 14.63
CA ASN A 155 -16.58 38.84 14.44
C ASN A 155 -17.50 37.70 14.82
N ALA A 156 -17.12 36.98 15.87
CA ALA A 156 -17.94 35.86 16.33
C ALA A 156 -19.25 36.36 16.90
N ALA A 157 -20.33 35.71 16.49
CA ALA A 157 -21.66 36.22 16.83
C ALA A 157 -22.05 35.81 18.27
N LYS A 170 -8.82 30.81 20.24
CA LYS A 170 -8.98 29.44 19.72
C LYS A 170 -7.60 28.81 19.57
N VAL A 171 -7.42 27.60 20.11
CA VAL A 171 -6.21 26.82 19.91
C VAL A 171 -6.61 25.54 19.17
N MET A 172 -5.92 25.28 18.06
CA MET A 172 -6.16 24.08 17.26
C MET A 172 -4.89 23.25 17.26
N PHE A 173 -5.04 21.95 17.43
CA PHE A 173 -3.93 21.02 17.34
C PHE A 173 -4.12 20.27 16.07
N LYS A 174 -3.03 20.14 15.32
CA LYS A 174 -3.10 19.51 14.00
C LYS A 174 -2.00 18.46 13.87
N ILE A 175 -2.32 17.31 13.31
CA ILE A 175 -1.31 16.29 13.05
C ILE A 175 -0.54 16.70 11.80
N GLY A 176 0.77 16.71 11.93
CA GLY A 176 1.65 17.01 10.84
C GLY A 176 2.65 15.88 10.72
N ASP A 177 3.66 16.19 9.94
CA ASP A 177 4.72 15.27 9.54
C ASP A 177 4.17 13.91 9.15
N LEU A 178 3.66 13.85 7.94
CA LEU A 178 3.03 12.64 7.45
C LEU A 178 4.03 11.68 6.77
N GLY A 179 5.31 11.79 7.11
CA GLY A 179 6.30 10.95 6.45
C GLY A 179 6.33 9.47 6.80
N HIS A 180 5.63 9.07 7.86
CA HIS A 180 5.51 7.65 8.18
C HIS A 180 4.14 7.10 7.87
N VAL A 181 3.26 7.91 7.26
CA VAL A 181 1.90 7.46 6.98
C VAL A 181 1.94 6.25 6.04
N THR A 182 1.15 5.26 6.39
CA THR A 182 1.11 4.05 5.65
C THR A 182 -0.30 3.49 5.77
N ARG A 183 -0.60 2.54 4.90
CA ARG A 183 -1.94 2.00 4.88
C ARG A 183 -2.10 0.91 5.91
N ILE A 184 -3.34 0.74 6.35
CA ILE A 184 -3.66 -0.15 7.47
C ILE A 184 -3.18 -1.58 7.30
N SER A 185 -3.28 -2.06 6.08
CA SER A 185 -2.97 -3.46 5.84
C SER A 185 -1.52 -3.61 5.39
N SER A 186 -0.68 -2.61 5.65
CA SER A 186 0.65 -2.64 5.07
C SER A 186 1.50 -3.75 5.70
N PRO A 187 2.20 -4.55 4.88
CA PRO A 187 2.94 -5.71 5.38
C PRO A 187 4.30 -5.35 5.92
N GLN A 188 4.92 -4.30 5.34
CA GLN A 188 6.06 -3.66 5.95
C GLN A 188 5.63 -2.30 6.44
N VAL A 189 6.25 -1.91 7.56
CA VAL A 189 5.94 -0.68 8.25
C VAL A 189 7.26 -0.06 8.67
N GLU A 190 7.45 1.21 8.34
CA GLU A 190 8.62 1.92 8.83
C GLU A 190 8.28 2.49 10.19
N GLU A 191 8.93 1.95 11.20
CA GLU A 191 8.70 2.33 12.60
C GLU A 191 8.90 3.82 12.87
N GLY A 192 8.04 4.37 13.71
CA GLY A 192 8.24 5.75 14.13
C GLY A 192 9.12 5.83 15.36
N ASP A 193 9.18 7.03 15.95
CA ASP A 193 10.02 7.32 17.12
C ASP A 193 9.94 6.28 18.24
N SER A 194 11.09 5.73 18.62
CA SER A 194 11.11 4.66 19.61
C SER A 194 10.53 5.03 20.98
N ARG A 195 10.58 6.32 21.32
CA ARG A 195 9.97 6.78 22.56
C ARG A 195 8.47 6.58 22.61
N PHE A 196 7.84 6.53 21.44
CA PHE A 196 6.37 6.50 21.36
C PHE A 196 5.89 5.20 20.72
N LEU A 197 6.82 4.35 20.34
CA LEU A 197 6.50 3.14 19.58
C LEU A 197 5.86 2.07 20.48
N ALA A 198 4.71 1.57 20.06
CA ALA A 198 4.05 0.47 20.74
C ALA A 198 4.81 -0.83 20.57
N ASN A 199 4.74 -1.72 21.55
CA ASN A 199 5.56 -2.94 21.51
C ASN A 199 5.25 -3.85 20.33
N GLU A 200 3.96 -3.99 20.05
CA GLU A 200 3.52 -4.82 18.94
C GLU A 200 4.08 -4.45 17.58
N VAL A 201 4.32 -3.15 17.37
CA VAL A 201 4.93 -2.69 16.13
C VAL A 201 6.40 -3.06 16.07
N LEU A 202 7.10 -2.89 17.19
CA LEU A 202 8.47 -3.35 17.27
C LEU A 202 8.63 -4.86 17.03
N GLN A 203 7.65 -5.61 17.50
CA GLN A 203 7.64 -7.05 17.26
C GLN A 203 7.18 -7.44 15.87
N GLU A 204 6.76 -6.47 15.07
CA GLU A 204 6.37 -6.72 13.69
C GLU A 204 5.00 -7.37 13.56
N ASN A 205 4.17 -7.20 14.59
CA ASN A 205 2.76 -7.58 14.54
C ASN A 205 1.98 -6.34 14.14
N TYR A 206 1.41 -6.40 12.95
CA TYR A 206 0.75 -5.23 12.37
C TYR A 206 -0.76 -5.40 12.27
N THR A 207 -1.31 -6.29 13.08
CA THR A 207 -2.75 -6.61 13.00
C THR A 207 -3.67 -5.46 13.38
N HIS A 208 -3.14 -4.57 14.20
CA HIS A 208 -3.93 -3.53 14.83
C HIS A 208 -3.19 -2.21 14.78
N LEU A 209 -2.54 -1.93 13.64
CA LEU A 209 -1.82 -0.66 13.43
C LEU A 209 -2.44 0.63 13.95
N PRO A 210 -3.74 0.91 13.76
CA PRO A 210 -4.34 2.14 14.27
C PRO A 210 -4.17 2.32 15.77
N LYS A 211 -4.09 1.21 16.50
CA LYS A 211 -3.95 1.27 17.94
C LYS A 211 -2.51 1.59 18.35
N ALA A 212 -1.52 1.39 17.47
CA ALA A 212 -0.21 1.98 17.70
C ALA A 212 -0.24 3.51 17.71
N ASP A 213 -1.13 4.12 16.91
CA ASP A 213 -1.25 5.58 16.98
C ASP A 213 -1.93 6.01 18.26
N ILE A 214 -2.90 5.21 18.72
CA ILE A 214 -3.57 5.55 19.97
C ILE A 214 -2.59 5.53 21.15
N PHE A 215 -1.75 4.49 21.17
CA PHE A 215 -0.67 4.37 22.14
C PHE A 215 0.26 5.58 22.11
N ALA A 216 0.69 5.95 20.90
CA ALA A 216 1.59 7.09 20.79
C ALA A 216 0.93 8.41 21.21
N LEU A 217 -0.36 8.54 20.96
CA LEU A 217 -1.08 9.73 21.38
C LEU A 217 -1.15 9.83 22.89
N ALA A 218 -1.40 8.72 23.59
CA ALA A 218 -1.42 8.79 25.05
C ALA A 218 -0.11 9.29 25.61
N LEU A 219 0.98 8.71 25.10
CA LEU A 219 2.29 9.18 25.53
C LEU A 219 2.59 10.63 25.18
N THR A 220 2.11 11.06 24.03
CA THR A 220 2.18 12.49 23.68
C THR A 220 1.44 13.38 24.68
N VAL A 221 0.26 12.95 25.13
CA VAL A 221 -0.47 13.75 26.11
C VAL A 221 0.25 13.75 27.46
N VAL A 222 0.87 12.61 27.80
CA VAL A 222 1.72 12.52 28.98
C VAL A 222 2.89 13.48 28.95
N CYS A 223 3.49 13.62 27.76
CA CYS A 223 4.54 14.66 27.63
C CYS A 223 4.01 16.07 27.79
N ALA A 224 2.84 16.34 27.23
CA ALA A 224 2.18 17.65 27.42
C ALA A 224 1.93 17.99 28.89
N ALA A 225 1.54 16.95 29.61
CA ALA A 225 1.23 17.01 31.03
C ALA A 225 2.45 17.13 31.93
N GLY A 226 3.64 17.09 31.36
CA GLY A 226 4.84 17.48 32.07
C GLY A 226 5.79 16.34 32.41
N ALA A 227 5.55 15.13 31.88
CA ALA A 227 6.45 14.01 32.15
C ALA A 227 7.89 14.27 31.75
N GLU A 228 8.79 13.61 32.44
CA GLU A 228 10.20 13.63 32.06
C GLU A 228 10.44 12.97 30.71
N PRO A 229 11.59 13.22 30.07
CA PRO A 229 11.96 12.57 28.82
C PRO A 229 11.70 11.07 28.79
N LEU A 230 10.99 10.64 27.76
CA LEU A 230 10.62 9.25 27.67
C LEU A 230 11.85 8.43 27.25
N PRO A 231 11.97 7.19 27.70
CA PRO A 231 13.11 6.35 27.33
C PRO A 231 12.98 5.91 25.89
N ARG A 232 14.12 5.72 25.24
CA ARG A 232 14.13 5.14 23.91
C ARG A 232 14.23 3.63 23.90
N ASN A 233 14.65 3.05 25.01
CA ASN A 233 14.92 1.62 25.15
C ASN A 233 15.25 1.34 26.60
N GLY A 234 15.31 0.07 26.98
CA GLY A 234 15.69 -0.26 28.34
C GLY A 234 14.50 -0.64 29.19
N ASP A 235 14.75 -0.78 30.49
CA ASP A 235 13.74 -1.39 31.35
C ASP A 235 12.53 -0.49 31.54
N GLN A 236 12.77 0.83 31.61
CA GLN A 236 11.67 1.79 31.75
C GLN A 236 10.74 1.79 30.54
N TRP A 237 11.37 1.65 29.36
CA TRP A 237 10.64 1.52 28.11
C TRP A 237 9.74 0.32 28.16
N HIS A 238 10.31 -0.81 28.56
CA HIS A 238 9.51 -2.02 28.73
C HIS A 238 8.41 -1.91 29.76
N GLU A 239 8.72 -1.23 30.88
CA GLU A 239 7.70 -0.95 31.90
C GLU A 239 6.50 -0.16 31.36
N ILE A 240 6.79 0.86 30.54
CA ILE A 240 5.72 1.56 29.85
C ILE A 240 4.91 0.64 28.95
N ARG A 241 5.59 -0.20 28.19
CA ARG A 241 4.88 -1.11 27.31
C ARG A 241 4.15 -2.22 28.06
N GLN A 242 4.46 -2.45 29.33
CA GLN A 242 3.58 -3.26 30.17
C GLN A 242 2.35 -2.51 30.66
N GLY A 243 2.23 -1.25 30.32
CA GLY A 243 1.01 -0.53 30.57
C GLY A 243 1.12 0.52 31.64
N ARG A 244 2.34 0.81 32.10
CA ARG A 244 2.46 1.78 33.19
C ARG A 244 2.72 3.17 32.63
N LEU A 245 1.89 4.13 33.04
CA LEU A 245 2.08 5.50 32.57
C LEU A 245 3.34 6.08 33.18
N PRO A 246 4.14 6.82 32.42
CA PRO A 246 5.14 7.70 32.98
C PRO A 246 4.59 8.62 34.06
N ARG A 247 5.48 8.98 34.97
CA ARG A 247 5.11 9.87 36.06
C ARG A 247 4.87 11.26 35.49
N ILE A 248 3.86 11.96 35.98
CA ILE A 248 3.66 13.36 35.60
C ILE A 248 3.69 14.23 36.86
N PRO A 249 4.06 15.50 36.74
CA PRO A 249 4.15 16.38 37.89
C PRO A 249 2.80 16.98 38.30
N GLN A 250 1.72 16.22 38.22
CA GLN A 250 0.40 16.75 38.55
C GLN A 250 -0.53 15.59 38.76
N VAL A 251 -1.65 15.88 39.40
CA VAL A 251 -2.67 14.88 39.70
C VAL A 251 -3.84 15.21 38.80
N LEU A 252 -4.04 14.31 37.85
CA LEU A 252 -5.16 14.39 36.95
C LEU A 252 -6.28 13.60 37.57
N SER A 253 -7.51 13.91 37.15
CA SER A 253 -8.66 13.14 37.58
C SER A 253 -8.53 11.64 37.34
N GLN A 254 -9.19 10.87 38.18
CA GLN A 254 -9.15 9.42 38.04
C GLN A 254 -9.65 8.92 36.69
N GLU A 255 -10.74 9.52 36.23
CA GLU A 255 -11.29 9.11 34.94
C GLU A 255 -10.34 9.43 33.78
N PHE A 256 -9.72 10.60 33.81
CA PHE A 256 -8.78 10.96 32.76
C PHE A 256 -7.51 10.14 32.79
N THR A 257 -7.04 9.84 34.01
CA THR A 257 -5.89 8.95 34.15
C THR A 257 -6.18 7.55 33.61
N GLU A 258 -7.41 7.07 33.81
CA GLU A 258 -7.76 5.74 33.31
C GLU A 258 -7.90 5.68 31.80
N LEU A 259 -8.37 6.77 31.21
CA LEU A 259 -8.37 6.90 29.75
C LEU A 259 -6.97 6.76 29.16
N LEU A 260 -6.05 7.58 29.68
CA LEU A 260 -4.67 7.52 29.26
C LEU A 260 -4.04 6.17 29.45
N LYS A 261 -4.35 5.57 30.59
CA LYS A 261 -3.78 4.28 30.89
C LYS A 261 -4.32 3.18 29.99
N VAL A 262 -5.61 3.15 29.68
CA VAL A 262 -6.10 2.14 28.76
C VAL A 262 -5.63 2.38 27.32
N MET A 263 -5.30 3.63 27.01
CA MET A 263 -4.68 3.93 25.72
C MET A 263 -3.29 3.35 25.57
N ILE A 264 -2.59 3.07 26.67
CA ILE A 264 -1.31 2.40 26.56
C ILE A 264 -1.40 0.94 26.97
N HIS A 265 -2.60 0.38 26.95
CA HIS A 265 -2.76 -1.01 27.34
C HIS A 265 -1.86 -1.94 26.52
N PRO A 266 -1.19 -2.95 27.10
CA PRO A 266 -0.41 -3.90 26.32
C PRO A 266 -1.14 -4.68 25.23
N ASP A 267 -2.43 -4.91 25.37
CA ASP A 267 -3.19 -5.51 24.28
C ASP A 267 -3.78 -4.36 23.46
N PRO A 268 -3.35 -4.16 22.20
CA PRO A 268 -3.93 -3.12 21.34
C PRO A 268 -5.43 -3.12 21.23
N GLU A 269 -6.00 -4.32 21.26
CA GLU A 269 -7.45 -4.47 21.15
C GLU A 269 -8.25 -3.83 22.28
N ARG A 270 -7.58 -3.65 23.41
CA ARG A 270 -8.23 -2.99 24.53
C ARG A 270 -8.08 -1.48 24.53
N ARG A 271 -7.12 -0.98 23.77
CA ARG A 271 -7.02 0.47 23.63
C ARG A 271 -8.23 1.00 22.87
N PRO A 272 -8.74 2.19 23.19
CA PRO A 272 -9.87 2.74 22.44
C PRO A 272 -9.52 2.96 20.98
N SER A 273 -10.52 2.86 20.12
CA SER A 273 -10.38 3.38 18.77
C SER A 273 -10.30 4.89 18.84
N ALA A 274 -9.89 5.52 17.74
CA ALA A 274 -9.97 6.97 17.71
C ALA A 274 -11.42 7.46 17.78
N MET A 275 -12.33 6.68 17.21
CA MET A 275 -13.74 6.99 17.34
C MET A 275 -14.27 6.93 18.78
N ALA A 276 -13.92 5.85 19.48
CA ALA A 276 -14.32 5.71 20.88
C ALA A 276 -13.70 6.79 21.74
N LEU A 277 -12.42 7.05 21.48
CA LEU A 277 -11.74 8.17 22.06
C LEU A 277 -12.48 9.48 21.92
N VAL A 278 -12.89 9.85 20.70
CA VAL A 278 -13.53 11.17 20.59
C VAL A 278 -14.94 11.21 21.14
N LYS A 279 -15.56 10.04 21.27
CA LYS A 279 -16.88 9.93 21.89
C LYS A 279 -16.83 9.77 23.40
N HIS A 280 -15.63 9.81 23.97
CA HIS A 280 -15.47 9.47 25.36
C HIS A 280 -16.05 10.53 26.28
N SER A 281 -16.74 10.04 27.30
CA SER A 281 -17.40 10.90 28.29
C SER A 281 -16.48 11.88 29.01
N VAL A 282 -15.24 11.46 29.22
CA VAL A 282 -14.22 12.31 29.83
C VAL A 282 -13.89 13.55 28.97
N LEU A 283 -14.00 13.36 27.66
CA LEU A 283 -13.66 14.40 26.69
C LEU A 283 -14.87 15.19 26.23
N LEU A 284 -16.05 14.81 26.67
CA LEU A 284 -17.26 15.59 26.44
C LEU A 284 -17.15 17.02 27.00
N SER A 285 -16.40 17.13 28.10
CA SER A 285 -15.97 18.42 28.65
C SER A 285 -15.09 19.30 27.75
N ALA A 286 -14.54 18.75 26.67
CA ALA A 286 -13.71 19.50 25.74
C ALA A 286 -14.39 19.70 24.38
N SER A 287 -15.64 19.28 24.27
CA SER A 287 -16.33 19.31 22.98
C SER A 287 -17.12 20.63 22.85
N MET B 3 19.39 -32.15 -6.67
CA MET B 3 19.84 -32.34 -8.06
C MET B 3 21.28 -32.83 -8.06
N GLY B 4 21.61 -33.70 -9.01
CA GLY B 4 22.96 -34.24 -9.02
C GLY B 4 23.94 -33.37 -9.78
N MET B 5 25.21 -33.69 -9.60
CA MET B 5 26.32 -32.93 -10.21
C MET B 5 26.33 -32.99 -11.72
N LYS B 6 25.91 -34.13 -12.24
CA LYS B 6 25.79 -34.35 -13.67
C LYS B 6 24.32 -34.32 -14.08
N SER B 7 23.43 -33.77 -13.23
CA SER B 7 22.06 -33.52 -13.65
C SER B 7 22.01 -32.56 -14.81
N ARG B 8 20.97 -32.68 -15.63
CA ARG B 8 20.68 -31.64 -16.60
C ARG B 8 20.65 -30.24 -15.99
N TYR B 9 19.97 -30.14 -14.87
CA TYR B 9 19.74 -28.85 -14.25
C TYR B 9 21.03 -28.12 -13.88
N THR B 10 21.95 -28.88 -13.30
CA THR B 10 23.21 -28.34 -12.83
C THR B 10 24.14 -28.04 -13.98
N THR B 11 24.16 -28.92 -14.97
CA THR B 11 25.10 -28.77 -16.07
C THR B 11 24.67 -27.70 -17.08
N GLU B 12 23.37 -27.59 -17.35
CA GLU B 12 22.97 -26.68 -18.42
C GLU B 12 22.65 -25.29 -17.89
N PHE B 13 22.45 -25.15 -16.58
CA PHE B 13 22.02 -23.89 -15.98
C PHE B 13 22.92 -23.52 -14.82
N HIS B 14 23.19 -22.22 -14.77
CA HIS B 14 23.79 -21.60 -13.63
C HIS B 14 22.69 -20.93 -12.82
N GLU B 15 22.49 -21.43 -11.62
CA GLU B 15 21.45 -20.96 -10.74
C GLU B 15 21.87 -19.67 -10.07
N LEU B 16 21.15 -18.59 -10.39
CA LEU B 16 21.54 -17.28 -9.88
C LEU B 16 20.92 -16.99 -8.51
N GLU B 17 19.61 -17.16 -8.40
CA GLU B 17 18.88 -16.53 -7.31
C GLU B 17 17.55 -17.23 -7.15
N LYS B 18 17.16 -17.54 -5.92
CA LYS B 18 15.83 -18.09 -5.68
C LYS B 18 14.79 -16.99 -5.79
N ILE B 19 13.69 -17.28 -6.47
CA ILE B 19 12.70 -16.24 -6.78
C ILE B 19 11.29 -16.65 -6.40
N GLY B 20 11.10 -17.89 -5.99
CA GLY B 20 9.81 -18.28 -5.46
C GLY B 20 9.97 -19.54 -4.65
N SER B 21 8.97 -19.84 -3.82
CA SER B 21 8.97 -21.07 -3.04
C SER B 21 7.56 -21.59 -2.87
N GLY B 22 7.44 -22.90 -2.85
CA GLY B 22 6.26 -23.53 -2.30
C GLY B 22 6.64 -24.54 -1.24
N GLU B 23 5.62 -25.23 -0.74
CA GLU B 23 5.84 -26.46 0.01
C GLU B 23 6.34 -27.60 -0.88
N PHE B 24 5.96 -27.51 -2.15
CA PHE B 24 6.39 -28.45 -3.17
C PHE B 24 7.87 -28.41 -3.52
N GLY B 25 8.52 -27.27 -3.28
CA GLY B 25 9.77 -26.95 -3.97
C GLY B 25 9.94 -25.46 -4.21
N SER B 26 10.56 -25.11 -5.33
CA SER B 26 11.21 -23.80 -5.44
C SER B 26 11.36 -23.33 -6.87
N VAL B 27 11.51 -22.03 -7.06
CA VAL B 27 11.77 -21.45 -8.38
C VAL B 27 13.06 -20.66 -8.30
N PHE B 28 13.92 -20.85 -9.28
CA PHE B 28 15.17 -20.08 -9.38
C PHE B 28 15.26 -19.33 -10.67
N LYS B 29 15.85 -18.15 -10.59
CA LYS B 29 16.33 -17.45 -11.76
C LYS B 29 17.64 -18.11 -12.14
N CYS B 30 17.74 -18.55 -13.38
CA CYS B 30 18.90 -19.29 -13.85
C CYS B 30 19.37 -18.75 -15.15
N VAL B 31 20.68 -18.80 -15.39
CA VAL B 31 21.21 -18.52 -16.72
C VAL B 31 21.47 -19.85 -17.38
N LYS B 32 20.97 -20.01 -18.60
CA LYS B 32 21.32 -21.18 -19.38
C LYS B 32 22.66 -20.91 -20.03
N ARG B 33 23.59 -21.80 -19.72
CA ARG B 33 24.96 -21.71 -20.19
C ARG B 33 25.10 -21.61 -21.71
N LEU B 34 24.42 -22.46 -22.46
CA LEU B 34 24.65 -22.47 -23.90
C LEU B 34 24.10 -21.24 -24.60
N ASP B 35 22.90 -20.79 -24.25
CA ASP B 35 22.34 -19.66 -25.02
C ASP B 35 22.50 -18.31 -24.32
N GLY B 36 22.97 -18.36 -23.08
CA GLY B 36 23.24 -17.12 -22.37
C GLY B 36 22.04 -16.43 -21.78
N CYS B 37 20.86 -17.03 -21.84
CA CYS B 37 19.63 -16.33 -21.39
C CYS B 37 19.19 -16.74 -20.03
N ILE B 38 18.43 -15.82 -19.44
CA ILE B 38 17.90 -16.09 -18.12
C ILE B 38 16.53 -16.73 -18.24
N TYR B 39 16.25 -17.73 -17.40
CA TYR B 39 14.95 -18.42 -17.35
C TYR B 39 14.52 -18.54 -15.92
N ALA B 40 13.23 -18.78 -15.70
CA ALA B 40 12.77 -19.18 -14.37
C ALA B 40 12.60 -20.69 -14.41
N ILE B 41 13.14 -21.37 -13.41
CA ILE B 41 13.07 -22.84 -13.37
C ILE B 41 12.44 -23.27 -12.07
N LYS B 42 11.26 -23.90 -12.15
CA LYS B 42 10.59 -24.43 -10.97
C LYS B 42 11.02 -25.86 -10.81
N ARG B 43 11.28 -26.25 -9.58
CA ARG B 43 11.81 -27.56 -9.27
C ARG B 43 10.99 -28.08 -8.12
N SER B 44 10.29 -29.18 -8.36
CA SER B 44 9.31 -29.75 -7.43
C SER B 44 9.57 -31.23 -7.34
N LYS B 45 9.21 -31.90 -6.24
CA LYS B 45 9.35 -33.36 -6.24
C LYS B 45 8.42 -34.01 -7.27
N LYS B 46 8.92 -35.06 -7.89
CA LYS B 46 8.18 -35.69 -8.97
C LYS B 46 7.04 -36.49 -8.34
N PRO B 47 5.79 -36.30 -8.79
CA PRO B 47 4.69 -37.13 -8.33
C PRO B 47 4.79 -38.55 -8.85
N LEU B 48 4.14 -39.49 -8.17
CA LEU B 48 4.27 -40.90 -8.53
C LEU B 48 3.87 -41.18 -9.98
N ALA B 49 4.73 -41.93 -10.66
CA ALA B 49 4.51 -42.24 -12.06
C ALA B 49 3.21 -43.02 -12.27
N GLY B 50 2.36 -42.46 -13.12
CA GLY B 50 1.06 -43.07 -13.40
C GLY B 50 -0.09 -42.43 -12.66
N SER B 51 0.24 -41.74 -11.56
CA SER B 51 -0.80 -41.24 -10.67
C SER B 51 -1.61 -40.11 -11.26
N VAL B 52 -2.72 -39.84 -10.60
CA VAL B 52 -3.46 -38.62 -10.83
C VAL B 52 -2.68 -37.36 -10.43
N ASP B 53 -1.75 -37.49 -9.47
CA ASP B 53 -0.89 -36.36 -9.12
C ASP B 53 0.11 -36.00 -10.21
N GLU B 54 0.60 -37.04 -10.89
CA GLU B 54 1.34 -36.86 -12.12
C GLU B 54 0.48 -36.26 -13.24
N GLN B 55 -0.72 -36.79 -13.43
CA GLN B 55 -1.61 -36.25 -14.47
C GLN B 55 -1.98 -34.79 -14.26
N ASN B 56 -2.21 -34.43 -12.99
CA ASN B 56 -2.38 -33.05 -12.59
C ASN B 56 -1.18 -32.18 -12.86
N ALA B 57 -0.02 -32.61 -12.36
CA ALA B 57 1.21 -31.85 -12.54
C ALA B 57 1.58 -31.66 -14.00
N LEU B 58 1.27 -32.66 -14.81
CA LEU B 58 1.53 -32.56 -16.23
C LEU B 58 0.51 -31.71 -16.97
N ARG B 59 -0.65 -31.40 -16.39
CA ARG B 59 -1.63 -30.54 -17.06
C ARG B 59 -1.07 -29.16 -17.34
N GLU B 60 -0.36 -28.65 -16.33
CA GLU B 60 0.37 -27.40 -16.43
C GLU B 60 1.31 -27.36 -17.63
N VAL B 61 2.08 -28.43 -17.74
CA VAL B 61 3.02 -28.60 -18.85
C VAL B 61 2.29 -28.68 -20.17
N TYR B 62 1.23 -29.48 -20.21
CA TYR B 62 0.42 -29.60 -21.43
C TYR B 62 -0.23 -28.28 -21.87
N ALA B 63 -0.68 -27.50 -20.90
CA ALA B 63 -1.24 -26.18 -21.13
C ALA B 63 -0.19 -25.24 -21.66
N HIS B 64 0.96 -25.23 -20.99
CA HIS B 64 2.09 -24.42 -21.42
C HIS B 64 2.52 -24.67 -22.84
N ALA B 65 2.59 -25.95 -23.14
CA ALA B 65 3.01 -26.38 -24.45
C ALA B 65 2.04 -26.04 -25.57
N VAL B 66 0.79 -25.76 -25.21
CA VAL B 66 -0.25 -25.40 -26.16
C VAL B 66 -0.54 -23.88 -26.15
N LEU B 67 -0.16 -23.18 -25.09
CA LEU B 67 -0.56 -21.78 -24.90
C LEU B 67 0.58 -20.76 -24.88
N GLY B 68 1.82 -21.22 -24.85
CA GLY B 68 2.88 -20.29 -24.48
C GLY B 68 3.44 -19.50 -25.64
N GLN B 69 3.08 -19.85 -26.88
CA GLN B 69 3.39 -19.03 -28.04
C GLN B 69 2.84 -17.58 -28.08
N HIS B 70 1.83 -17.27 -27.28
CA HIS B 70 1.18 -15.97 -27.35
C HIS B 70 1.90 -14.94 -26.52
N SER B 71 1.88 -13.70 -27.01
CA SER B 71 2.57 -12.60 -26.35
C SER B 71 2.22 -12.30 -24.88
N HIS B 72 0.99 -12.60 -24.48
CA HIS B 72 0.53 -12.31 -23.12
C HIS B 72 0.26 -13.56 -22.29
N VAL B 73 0.88 -14.65 -22.66
CA VAL B 73 0.92 -15.85 -21.81
C VAL B 73 2.40 -16.13 -21.66
N VAL B 74 2.84 -16.53 -20.48
CA VAL B 74 4.25 -16.86 -20.29
C VAL B 74 4.77 -17.97 -21.22
N ARG B 75 5.98 -17.79 -21.79
CA ARG B 75 6.52 -18.83 -22.65
C ARG B 75 7.06 -19.97 -21.82
N TYR B 76 6.89 -21.14 -22.39
CA TYR B 76 7.46 -22.33 -21.86
C TYR B 76 8.62 -22.75 -22.75
N PHE B 77 9.65 -23.31 -22.14
CA PHE B 77 10.79 -23.78 -22.93
C PHE B 77 10.96 -25.28 -22.82
N SER B 78 10.90 -25.81 -21.61
CA SER B 78 11.17 -27.22 -21.44
C SER B 78 10.61 -27.67 -20.11
N ALA B 79 10.38 -28.96 -20.01
CA ALA B 79 10.15 -29.57 -18.73
C ALA B 79 10.80 -30.93 -18.73
N TRP B 80 11.25 -31.39 -17.57
CA TRP B 80 11.89 -32.70 -17.57
C TRP B 80 11.80 -33.26 -16.17
N ALA B 81 12.16 -34.52 -16.03
CA ALA B 81 12.21 -35.13 -14.74
C ALA B 81 13.57 -35.75 -14.55
N GLU B 82 14.15 -35.53 -13.39
CA GLU B 82 15.39 -36.20 -13.03
C GLU B 82 15.48 -36.19 -11.51
N ASP B 83 16.14 -37.19 -10.93
CA ASP B 83 16.49 -37.12 -9.51
C ASP B 83 15.28 -37.03 -8.57
N ASP B 84 14.16 -37.61 -9.02
CA ASP B 84 12.91 -37.50 -8.30
C ASP B 84 12.30 -36.10 -8.30
N HIS B 85 12.72 -35.28 -9.25
CA HIS B 85 12.21 -33.92 -9.37
C HIS B 85 11.64 -33.72 -10.73
N MET B 86 10.56 -32.96 -10.80
CA MET B 86 10.07 -32.47 -12.07
C MET B 86 10.45 -31.02 -12.16
N LEU B 87 10.97 -30.64 -13.33
CA LEU B 87 11.42 -29.28 -13.55
C LEU B 87 10.69 -28.68 -14.73
N ILE B 88 10.44 -27.38 -14.65
CA ILE B 88 9.80 -26.64 -15.72
C ILE B 88 10.63 -25.38 -15.88
N GLN B 89 11.07 -25.13 -17.11
CA GLN B 89 11.84 -23.97 -17.45
C GLN B 89 10.93 -23.08 -18.26
N ASN B 90 10.59 -21.93 -17.71
CA ASN B 90 9.77 -20.95 -18.38
C ASN B 90 10.56 -19.69 -18.57
N GLU B 91 9.95 -18.78 -19.31
CA GLU B 91 10.40 -17.42 -19.43
C GLU B 91 10.61 -16.77 -18.07
N TYR B 92 11.71 -16.06 -17.91
CA TYR B 92 11.90 -15.25 -16.71
C TYR B 92 11.28 -13.88 -16.96
N CYS B 93 10.38 -13.47 -16.07
CA CYS B 93 9.71 -12.16 -16.20
C CYS B 93 10.38 -11.22 -15.24
N ASN B 94 11.15 -10.31 -15.84
CA ASN B 94 12.14 -9.56 -15.08
C ASN B 94 11.55 -8.52 -14.17
N GLY B 95 10.24 -8.32 -14.27
CA GLY B 95 9.56 -7.41 -13.38
C GLY B 95 8.85 -8.12 -12.26
N GLY B 96 8.96 -9.44 -12.16
CA GLY B 96 8.25 -10.11 -11.07
C GLY B 96 6.75 -10.23 -11.32
N SER B 97 6.00 -10.57 -10.28
CA SER B 97 4.55 -10.72 -10.44
C SER B 97 3.84 -9.41 -10.18
N LEU B 98 2.64 -9.28 -10.71
CA LEU B 98 1.76 -8.18 -10.35
C LEU B 98 1.46 -8.11 -8.85
N ALA B 99 1.33 -9.24 -8.18
CA ALA B 99 1.15 -9.21 -6.73
C ALA B 99 2.27 -8.51 -5.96
N ASP B 100 3.51 -8.71 -6.40
CA ASP B 100 4.64 -8.06 -5.73
C ASP B 100 4.69 -6.58 -6.03
N ALA B 101 4.39 -6.20 -7.28
CA ALA B 101 4.25 -4.77 -7.57
C ALA B 101 3.12 -4.14 -6.78
N ILE B 102 2.04 -4.88 -6.58
CA ILE B 102 0.91 -4.31 -5.82
C ILE B 102 1.22 -4.17 -4.34
N SER B 103 1.92 -5.17 -3.79
CA SER B 103 2.35 -5.12 -2.40
C SER B 103 3.27 -3.95 -2.11
N GLU B 104 4.24 -3.70 -3.01
CA GLU B 104 5.04 -2.47 -2.93
C GLU B 104 4.22 -1.19 -3.00
N ASN B 105 3.32 -1.16 -3.96
CA ASN B 105 2.50 0.02 -4.16
C ASN B 105 1.64 0.35 -2.96
N TYR B 106 1.24 -0.72 -2.28
CA TYR B 106 0.51 -0.59 -1.05
C TYR B 106 1.28 0.11 0.07
N ARG B 107 2.57 -0.23 0.24
CA ARG B 107 3.32 0.45 1.31
C ARG B 107 3.73 1.89 0.99
N ILE B 108 3.88 2.20 -0.30
CA ILE B 108 4.33 3.54 -0.69
C ILE B 108 3.18 4.42 -1.14
N MET B 109 1.97 3.84 -1.20
CA MET B 109 0.76 4.52 -1.61
C MET B 109 0.80 5.05 -3.04
N SER B 110 1.42 4.27 -3.91
CA SER B 110 1.56 4.71 -5.30
C SER B 110 1.09 3.59 -6.16
N TYR B 111 -0.15 3.65 -6.58
CA TYR B 111 -0.82 2.55 -7.29
C TYR B 111 -0.63 2.66 -8.79
N PHE B 112 -1.12 1.65 -9.53
CA PHE B 112 -1.19 1.80 -10.99
C PHE B 112 -2.24 2.83 -11.35
N LYS B 113 -1.87 3.79 -12.18
CA LYS B 113 -2.79 4.87 -12.55
C LYS B 113 -3.61 4.40 -13.75
N GLU B 114 -4.61 5.17 -14.14
CA GLU B 114 -5.60 4.68 -15.07
C GLU B 114 -5.04 4.18 -16.38
N ALA B 115 -4.13 4.93 -16.98
CA ALA B 115 -3.55 4.47 -18.24
C ALA B 115 -2.81 3.13 -18.10
N GLU B 116 -2.19 2.94 -16.95
CA GLU B 116 -1.51 1.69 -16.68
C GLU B 116 -2.49 0.57 -16.38
N LEU B 117 -3.60 0.90 -15.73
CA LEU B 117 -4.65 -0.08 -15.46
C LEU B 117 -5.34 -0.52 -16.74
N LYS B 118 -5.52 0.41 -17.69
CA LYS B 118 -6.06 0.05 -19.00
C LYS B 118 -5.14 -0.86 -19.78
N ASP B 119 -3.86 -0.54 -19.67
CA ASP B 119 -2.80 -1.39 -20.20
C ASP B 119 -2.83 -2.80 -19.64
N LEU B 120 -2.95 -2.91 -18.31
CA LEU B 120 -3.11 -4.22 -17.65
C LEU B 120 -4.33 -4.97 -18.15
N LEU B 121 -5.45 -4.24 -18.17
CA LEU B 121 -6.70 -4.82 -18.58
C LEU B 121 -6.64 -5.33 -19.99
N LEU B 122 -6.14 -4.49 -20.90
CA LEU B 122 -6.08 -4.86 -22.30
C LEU B 122 -5.14 -6.01 -22.56
N GLN B 123 -3.96 -5.99 -21.94
CA GLN B 123 -2.96 -6.98 -22.31
C GLN B 123 -3.32 -8.36 -21.75
N VAL B 124 -3.76 -8.39 -20.49
CA VAL B 124 -4.27 -9.66 -19.97
C VAL B 124 -5.55 -10.09 -20.68
N GLY B 125 -6.36 -9.13 -21.10
CA GLY B 125 -7.50 -9.45 -21.96
C GLY B 125 -7.13 -10.11 -23.28
N ARG B 126 -6.01 -9.69 -23.87
CA ARG B 126 -5.53 -10.39 -25.06
C ARG B 126 -5.10 -11.83 -24.77
N GLY B 127 -4.44 -12.03 -23.63
CA GLY B 127 -4.10 -13.37 -23.19
C GLY B 127 -5.32 -14.24 -22.93
N LEU B 128 -6.31 -13.69 -22.23
CA LEU B 128 -7.56 -14.41 -22.07
C LEU B 128 -8.27 -14.71 -23.38
N ARG B 129 -8.26 -13.77 -24.31
CA ARG B 129 -8.89 -14.05 -25.57
C ARG B 129 -8.24 -15.22 -26.31
N TYR B 130 -6.91 -15.25 -26.31
CA TYR B 130 -6.20 -16.38 -26.88
C TYR B 130 -6.54 -17.67 -26.16
N ILE B 131 -6.43 -17.66 -24.83
CA ILE B 131 -6.79 -18.86 -24.04
C ILE B 131 -8.18 -19.39 -24.34
N HIS B 132 -9.18 -18.49 -24.27
CA HIS B 132 -10.57 -18.87 -24.49
C HIS B 132 -10.82 -19.34 -25.91
N SER B 133 -10.12 -18.74 -26.87
CA SER B 133 -10.19 -19.22 -28.24
C SER B 133 -9.69 -20.64 -28.43
N MET B 134 -8.88 -21.12 -27.49
CA MET B 134 -8.36 -22.49 -27.54
C MET B 134 -9.23 -23.43 -26.71
N SER B 135 -10.44 -22.99 -26.36
CA SER B 135 -11.37 -23.82 -25.63
C SER B 135 -10.94 -24.11 -24.20
N LEU B 136 -10.16 -23.19 -23.65
CA LEU B 136 -9.56 -23.34 -22.33
C LEU B 136 -9.97 -22.16 -21.48
N VAL B 137 -9.94 -22.33 -20.19
CA VAL B 137 -10.15 -21.26 -19.24
C VAL B 137 -9.06 -21.35 -18.23
N HIS B 138 -8.65 -20.19 -17.73
CA HIS B 138 -7.51 -20.17 -16.84
C HIS B 138 -7.86 -20.59 -15.42
N MET B 139 -8.99 -20.10 -14.91
CA MET B 139 -9.51 -20.51 -13.60
C MET B 139 -8.74 -20.04 -12.38
N ASP B 140 -7.72 -19.21 -12.55
CA ASP B 140 -7.02 -18.71 -11.39
C ASP B 140 -6.38 -17.35 -11.63
N ILE B 141 -7.07 -16.48 -12.36
CA ILE B 141 -6.52 -15.16 -12.63
C ILE B 141 -6.49 -14.35 -11.34
N LYS B 142 -5.33 -13.80 -11.05
CA LYS B 142 -5.09 -13.02 -9.83
C LYS B 142 -3.74 -12.39 -9.96
N PRO B 143 -3.42 -11.33 -9.20
CA PRO B 143 -2.13 -10.68 -9.34
C PRO B 143 -0.90 -11.57 -9.23
N SER B 144 -0.95 -12.60 -8.39
CA SER B 144 0.21 -13.45 -8.23
C SER B 144 0.47 -14.35 -9.45
N ASN B 145 -0.50 -14.43 -10.36
CA ASN B 145 -0.40 -15.23 -11.59
C ASN B 145 -0.27 -14.34 -12.83
N ILE B 146 -0.09 -13.04 -12.63
CA ILE B 146 0.22 -12.14 -13.74
C ILE B 146 1.66 -11.69 -13.57
N PHE B 147 2.46 -11.88 -14.60
CA PHE B 147 3.87 -11.54 -14.51
C PHE B 147 4.16 -10.34 -15.40
N ILE B 148 5.18 -9.60 -14.99
CA ILE B 148 5.56 -8.34 -15.62
C ILE B 148 6.94 -8.49 -16.25
N SER B 149 7.04 -8.11 -17.51
CA SER B 149 8.28 -8.17 -18.25
C SER B 149 8.52 -6.82 -18.85
N ARG B 150 9.75 -6.34 -18.70
CA ARG B 150 10.15 -5.07 -19.30
C ARG B 150 11.17 -5.37 -20.38
N THR B 151 10.89 -4.89 -21.58
CA THR B 151 11.73 -5.19 -22.74
C THR B 151 12.18 -3.88 -23.34
N SER B 152 13.42 -3.81 -23.81
CA SER B 152 13.82 -2.64 -24.60
C SER B 152 13.68 -2.98 -26.08
N ILE B 153 13.15 -2.03 -26.83
CA ILE B 153 13.14 -2.17 -28.28
C ILE B 153 14.08 -1.07 -28.75
N PRO B 154 15.30 -1.40 -29.20
CA PRO B 154 16.30 -0.39 -29.51
C PRO B 154 16.07 0.39 -30.79
N ASN B 155 15.29 -0.15 -31.71
CA ASN B 155 15.27 0.38 -33.07
C ASN B 155 13.87 0.37 -33.61
N ALA B 156 12.90 0.67 -32.75
CA ALA B 156 11.55 0.88 -33.24
C ALA B 156 11.50 1.98 -34.31
N ALA B 157 10.80 1.68 -35.39
CA ALA B 157 10.71 2.57 -36.53
C ALA B 157 9.71 3.69 -36.24
N SER B 158 9.92 4.83 -36.89
CA SER B 158 9.29 6.07 -36.47
C SER B 158 7.88 6.26 -37.07
N ASN B 169 11.87 -0.39 -22.04
CA ASN B 169 10.83 0.65 -22.23
C ASN B 169 9.42 0.12 -22.07
N LYS B 170 9.02 -0.89 -22.83
CA LYS B 170 7.63 -1.36 -22.82
C LYS B 170 7.40 -2.34 -21.66
N VAL B 171 6.34 -2.13 -20.89
CA VAL B 171 5.91 -3.13 -19.93
C VAL B 171 4.95 -4.11 -20.61
N MET B 172 5.18 -5.41 -20.41
CA MET B 172 4.33 -6.46 -20.91
C MET B 172 3.79 -7.23 -19.72
N PHE B 173 2.49 -7.41 -19.66
CA PHE B 173 1.88 -8.29 -18.66
C PHE B 173 1.58 -9.63 -19.29
N LYS B 174 1.81 -10.70 -18.53
CA LYS B 174 1.71 -12.05 -19.07
C LYS B 174 0.99 -12.90 -18.08
N ILE B 175 0.07 -13.70 -18.59
CA ILE B 175 -0.60 -14.68 -17.75
C ILE B 175 0.37 -15.84 -17.54
N GLY B 176 0.56 -16.20 -16.29
CA GLY B 176 1.30 -17.40 -15.96
C GLY B 176 0.50 -18.25 -15.03
N ASP B 177 1.19 -19.24 -14.49
CA ASP B 177 0.60 -20.24 -13.61
C ASP B 177 -0.57 -20.95 -14.22
N LEU B 178 -0.26 -21.82 -15.16
CA LEU B 178 -1.29 -22.48 -15.94
C LEU B 178 -1.81 -23.76 -15.28
N GLY B 179 -1.56 -23.95 -13.99
CA GLY B 179 -1.96 -25.21 -13.37
C GLY B 179 -3.42 -25.34 -12.95
N HIS B 180 -4.24 -24.33 -13.17
CA HIS B 180 -5.68 -24.48 -13.05
C HIS B 180 -6.35 -24.53 -14.41
N VAL B 181 -5.58 -24.49 -15.50
CA VAL B 181 -6.21 -24.44 -16.82
C VAL B 181 -7.08 -25.69 -17.08
N THR B 182 -8.28 -25.43 -17.58
CA THR B 182 -9.26 -26.45 -17.83
C THR B 182 -10.07 -26.12 -19.07
N ARG B 183 -10.71 -27.14 -19.64
CA ARG B 183 -11.54 -26.99 -20.82
C ARG B 183 -12.81 -26.26 -20.49
N ILE B 184 -13.31 -25.48 -21.44
CA ILE B 184 -14.59 -24.78 -21.24
C ILE B 184 -15.74 -25.73 -20.95
N SER B 185 -15.74 -26.84 -21.66
CA SER B 185 -16.74 -27.87 -21.45
C SER B 185 -16.45 -28.80 -20.25
N SER B 186 -15.44 -28.48 -19.42
CA SER B 186 -15.04 -29.41 -18.38
C SER B 186 -16.09 -29.49 -17.28
N PRO B 187 -16.49 -30.72 -16.89
CA PRO B 187 -17.41 -30.90 -15.79
C PRO B 187 -16.76 -30.83 -14.41
N GLN B 188 -15.43 -30.93 -14.38
CA GLN B 188 -14.68 -30.90 -13.14
C GLN B 188 -13.76 -29.69 -13.17
N VAL B 189 -14.12 -28.73 -12.34
CA VAL B 189 -13.36 -27.51 -12.15
C VAL B 189 -12.78 -27.59 -10.75
N GLU B 190 -11.50 -27.32 -10.63
CA GLU B 190 -11.00 -26.88 -9.33
C GLU B 190 -11.02 -25.35 -9.38
N GLU B 191 -11.83 -24.76 -8.50
CA GLU B 191 -11.90 -23.31 -8.48
C GLU B 191 -10.60 -22.72 -7.97
N GLY B 192 -10.28 -21.56 -8.52
CA GLY B 192 -9.12 -20.84 -8.05
C GLY B 192 -9.45 -20.01 -6.85
N ASP B 193 -8.55 -19.06 -6.60
CA ASP B 193 -8.57 -18.26 -5.39
C ASP B 193 -9.92 -17.63 -5.09
N SER B 194 -10.39 -17.90 -3.86
CA SER B 194 -11.67 -17.40 -3.38
C SER B 194 -11.87 -15.89 -3.44
N ARG B 195 -10.77 -15.14 -3.33
CA ARG B 195 -10.83 -13.69 -3.48
C ARG B 195 -11.29 -13.23 -4.85
N PHE B 196 -11.05 -14.06 -5.87
CA PHE B 196 -11.29 -13.69 -7.28
C PHE B 196 -12.35 -14.56 -7.92
N LEU B 197 -13.01 -15.38 -7.10
CA LEU B 197 -13.90 -16.39 -7.63
C LEU B 197 -15.30 -15.81 -7.88
N ALA B 198 -15.80 -15.94 -9.10
CA ALA B 198 -17.17 -15.51 -9.36
C ALA B 198 -18.17 -16.49 -8.76
N ASN B 199 -19.37 -16.00 -8.44
CA ASN B 199 -20.29 -16.79 -7.65
C ASN B 199 -20.75 -18.03 -8.38
N GLU B 200 -20.96 -17.91 -9.69
CA GLU B 200 -21.45 -19.02 -10.48
C GLU B 200 -20.55 -20.24 -10.43
N VAL B 201 -19.25 -20.03 -10.32
CA VAL B 201 -18.32 -21.16 -10.19
C VAL B 201 -18.38 -21.78 -8.80
N LEU B 202 -18.54 -20.93 -7.78
CA LEU B 202 -18.83 -21.42 -6.43
C LEU B 202 -20.07 -22.30 -6.33
N GLN B 203 -21.11 -21.89 -7.07
CA GLN B 203 -22.35 -22.66 -7.15
C GLN B 203 -22.28 -23.84 -8.11
N GLU B 204 -21.14 -24.04 -8.74
CA GLU B 204 -20.92 -25.16 -9.65
C GLU B 204 -21.68 -25.07 -10.96
N ASN B 205 -22.09 -23.86 -11.30
CA ASN B 205 -22.62 -23.59 -12.62
C ASN B 205 -21.42 -23.24 -13.51
N TYR B 206 -21.15 -24.14 -14.44
CA TYR B 206 -19.98 -24.04 -15.29
C TYR B 206 -20.37 -23.73 -16.71
N THR B 207 -21.53 -23.11 -16.87
CA THR B 207 -22.13 -22.88 -18.18
C THR B 207 -21.40 -21.81 -18.98
N HIS B 208 -20.69 -20.93 -18.28
CA HIS B 208 -20.05 -19.78 -18.90
C HIS B 208 -18.68 -19.58 -18.30
N LEU B 209 -17.89 -20.66 -18.18
CA LEU B 209 -16.57 -20.53 -17.57
C LEU B 209 -15.64 -19.40 -18.03
N PRO B 210 -15.56 -19.04 -19.33
CA PRO B 210 -14.76 -17.90 -19.76
C PRO B 210 -15.04 -16.62 -19.02
N LYS B 211 -16.30 -16.42 -18.66
CA LYS B 211 -16.72 -15.27 -17.88
C LYS B 211 -16.27 -15.28 -16.43
N ALA B 212 -15.91 -16.42 -15.85
CA ALA B 212 -15.25 -16.40 -14.54
C ALA B 212 -13.85 -15.79 -14.62
N ASP B 213 -13.13 -16.04 -15.72
CA ASP B 213 -11.84 -15.35 -15.91
C ASP B 213 -11.99 -13.84 -16.09
N ILE B 214 -13.05 -13.42 -16.77
CA ILE B 214 -13.33 -11.98 -16.92
C ILE B 214 -13.62 -11.30 -15.58
N PHE B 215 -14.37 -11.98 -14.73
CA PHE B 215 -14.64 -11.46 -13.40
C PHE B 215 -13.36 -11.34 -12.58
N ALA B 216 -12.54 -12.39 -12.64
CA ALA B 216 -11.29 -12.38 -11.89
C ALA B 216 -10.31 -11.33 -12.38
N LEU B 217 -10.29 -11.12 -13.70
CA LEU B 217 -9.46 -10.06 -14.26
C LEU B 217 -9.87 -8.69 -13.76
N ALA B 218 -11.17 -8.44 -13.68
CA ALA B 218 -11.63 -7.16 -13.21
C ALA B 218 -11.22 -6.90 -11.77
N LEU B 219 -11.36 -7.93 -10.94
CA LEU B 219 -10.90 -7.78 -9.56
C LEU B 219 -9.39 -7.68 -9.44
N THR B 220 -8.69 -8.30 -10.39
CA THR B 220 -7.24 -8.13 -10.46
C THR B 220 -6.87 -6.66 -10.73
N VAL B 221 -7.61 -6.04 -11.65
CA VAL B 221 -7.36 -4.64 -11.98
C VAL B 221 -7.70 -3.77 -10.79
N VAL B 222 -8.78 -4.11 -10.08
CA VAL B 222 -9.14 -3.43 -8.85
C VAL B 222 -8.02 -3.48 -7.81
N CYS B 223 -7.43 -4.64 -7.58
CA CYS B 223 -6.21 -4.74 -6.78
C CYS B 223 -5.07 -3.85 -7.26
N ALA B 224 -4.79 -3.90 -8.57
CA ALA B 224 -3.78 -3.01 -9.16
C ALA B 224 -4.05 -1.54 -8.91
N ALA B 225 -5.33 -1.22 -8.85
CA ALA B 225 -5.76 0.17 -8.66
C ALA B 225 -5.63 0.66 -7.24
N GLY B 226 -5.32 -0.24 -6.32
CA GLY B 226 -4.98 0.20 -4.97
C GLY B 226 -6.01 -0.19 -3.95
N ALA B 227 -6.94 -1.06 -4.33
CA ALA B 227 -7.98 -1.49 -3.40
C ALA B 227 -7.37 -2.17 -2.18
N GLU B 228 -8.12 -2.17 -1.11
CA GLU B 228 -7.75 -2.95 0.06
C GLU B 228 -7.75 -4.43 -0.29
N PRO B 229 -6.98 -5.28 0.42
CA PRO B 229 -7.08 -6.72 0.30
C PRO B 229 -8.50 -7.24 0.20
N LEU B 230 -8.75 -8.04 -0.81
CA LEU B 230 -10.11 -8.48 -1.07
C LEU B 230 -10.53 -9.50 -0.03
N PRO B 231 -11.83 -9.55 0.30
CA PRO B 231 -12.36 -10.55 1.20
C PRO B 231 -12.32 -11.93 0.59
N ARG B 232 -12.16 -12.94 1.46
CA ARG B 232 -12.29 -14.32 1.02
C ARG B 232 -13.72 -14.84 1.16
N ASN B 233 -14.50 -14.20 2.00
CA ASN B 233 -15.82 -14.71 2.39
C ASN B 233 -16.57 -13.62 3.14
N GLY B 234 -17.84 -13.86 3.41
CA GLY B 234 -18.56 -12.94 4.27
C GLY B 234 -19.32 -11.93 3.45
N ASP B 235 -19.84 -10.93 4.15
CA ASP B 235 -20.74 -9.95 3.53
C ASP B 235 -20.09 -9.16 2.40
N GLN B 236 -18.84 -8.74 2.61
CA GLN B 236 -18.13 -7.99 1.58
C GLN B 236 -17.88 -8.81 0.32
N TRP B 237 -17.65 -10.10 0.52
CA TRP B 237 -17.51 -11.02 -0.60
C TRP B 237 -18.78 -11.07 -1.39
N HIS B 238 -19.87 -11.29 -0.69
CA HIS B 238 -21.18 -11.33 -1.34
C HIS B 238 -21.56 -10.05 -2.04
N GLU B 239 -21.28 -8.92 -1.41
CA GLU B 239 -21.46 -7.61 -2.02
C GLU B 239 -20.79 -7.45 -3.39
N ILE B 240 -19.52 -7.83 -3.46
CA ILE B 240 -18.81 -7.90 -4.74
C ILE B 240 -19.56 -8.75 -5.78
N ARG B 241 -20.00 -9.91 -5.35
CA ARG B 241 -20.72 -10.81 -6.26
C ARG B 241 -22.12 -10.32 -6.62
N GLN B 242 -22.66 -9.34 -5.89
CA GLN B 242 -23.82 -8.60 -6.38
C GLN B 242 -23.49 -7.59 -7.46
N GLY B 243 -22.21 -7.36 -7.72
CA GLY B 243 -21.84 -6.51 -8.84
C GLY B 243 -21.30 -5.17 -8.41
N ARG B 244 -21.04 -5.00 -7.12
CA ARG B 244 -20.48 -3.74 -6.63
C ARG B 244 -18.96 -3.81 -6.53
N LEU B 245 -18.31 -2.88 -7.22
CA LEU B 245 -16.85 -2.79 -7.17
C LEU B 245 -16.37 -2.41 -5.77
N PRO B 246 -15.30 -3.05 -5.27
CA PRO B 246 -14.61 -2.56 -4.07
C PRO B 246 -14.15 -1.13 -4.24
N ARG B 247 -13.97 -0.45 -3.12
CA ARG B 247 -13.49 0.92 -3.18
C ARG B 247 -12.05 0.96 -3.69
N ILE B 248 -11.82 1.90 -4.60
CA ILE B 248 -10.51 2.13 -5.18
C ILE B 248 -10.07 3.53 -4.71
N PRO B 249 -8.91 3.70 -4.07
CA PRO B 249 -8.53 4.96 -3.44
C PRO B 249 -7.91 5.99 -4.40
N GLN B 250 -8.44 6.05 -5.62
CA GLN B 250 -8.02 7.00 -6.63
C GLN B 250 -9.20 7.25 -7.53
N VAL B 251 -9.24 8.41 -8.17
CA VAL B 251 -10.31 8.70 -9.12
C VAL B 251 -9.99 8.08 -10.48
N LEU B 252 -10.95 7.32 -10.98
CA LEU B 252 -10.90 6.73 -12.29
C LEU B 252 -12.04 7.31 -13.10
N SER B 253 -11.88 7.38 -14.41
CA SER B 253 -13.01 7.81 -15.26
C SER B 253 -14.27 6.98 -15.11
N GLN B 254 -15.42 7.61 -15.32
CA GLN B 254 -16.69 6.91 -15.23
C GLN B 254 -16.77 5.68 -16.12
N GLU B 255 -16.36 5.87 -17.37
CA GLU B 255 -16.45 4.82 -18.37
C GLU B 255 -15.47 3.68 -18.11
N PHE B 256 -14.30 3.97 -17.54
CA PHE B 256 -13.40 2.86 -17.17
C PHE B 256 -13.94 2.10 -15.98
N THR B 257 -14.45 2.85 -15.01
CA THR B 257 -15.09 2.22 -13.85
C THR B 257 -16.28 1.34 -14.22
N GLU B 258 -17.09 1.82 -15.18
CA GLU B 258 -18.22 1.05 -15.68
C GLU B 258 -17.81 -0.18 -16.47
N LEU B 259 -16.66 -0.13 -17.15
CA LEU B 259 -16.13 -1.36 -17.76
C LEU B 259 -15.79 -2.38 -16.69
N LEU B 260 -15.09 -1.94 -15.65
CA LEU B 260 -14.79 -2.86 -14.55
C LEU B 260 -16.05 -3.40 -13.87
N LYS B 261 -17.04 -2.53 -13.74
CA LYS B 261 -18.29 -2.92 -13.12
C LYS B 261 -19.05 -3.98 -13.91
N VAL B 262 -19.16 -3.78 -15.22
CA VAL B 262 -19.86 -4.79 -16.03
C VAL B 262 -19.11 -6.11 -16.06
N MET B 263 -17.80 -6.05 -15.90
CA MET B 263 -17.02 -7.27 -15.84
C MET B 263 -17.27 -8.10 -14.60
N ILE B 264 -17.80 -7.51 -13.54
CA ILE B 264 -18.19 -8.31 -12.37
C ILE B 264 -19.72 -8.44 -12.27
N HIS B 265 -20.40 -8.20 -13.38
CA HIS B 265 -21.86 -8.39 -13.44
C HIS B 265 -22.30 -9.75 -12.90
N PRO B 266 -23.30 -9.82 -12.00
CA PRO B 266 -23.79 -11.11 -11.52
C PRO B 266 -24.29 -12.10 -12.56
N ASP B 267 -24.77 -11.62 -13.68
CA ASP B 267 -25.05 -12.54 -14.78
C ASP B 267 -23.78 -12.63 -15.64
N PRO B 268 -23.10 -13.78 -15.71
CA PRO B 268 -21.93 -13.91 -16.56
C PRO B 268 -22.12 -13.56 -18.01
N GLU B 269 -23.32 -13.77 -18.55
CA GLU B 269 -23.57 -13.38 -19.92
C GLU B 269 -23.55 -11.89 -20.21
N ARG B 270 -23.71 -11.08 -19.15
CA ARG B 270 -23.61 -9.63 -19.31
C ARG B 270 -22.20 -9.10 -19.29
N ARG B 271 -21.28 -9.88 -18.73
CA ARG B 271 -19.86 -9.52 -18.73
C ARG B 271 -19.33 -9.59 -20.16
N PRO B 272 -18.40 -8.73 -20.56
CA PRO B 272 -17.82 -8.84 -21.88
C PRO B 272 -17.04 -10.15 -22.03
N SER B 273 -17.07 -10.71 -23.23
CA SER B 273 -16.06 -11.69 -23.60
C SER B 273 -14.70 -11.02 -23.62
N ALA B 274 -13.65 -11.82 -23.63
CA ALA B 274 -12.33 -11.25 -23.77
C ALA B 274 -12.15 -10.56 -25.12
N MET B 275 -12.76 -11.11 -26.16
CA MET B 275 -12.75 -10.39 -27.44
C MET B 275 -13.42 -9.03 -27.38
N ALA B 276 -14.58 -9.00 -26.73
CA ALA B 276 -15.27 -7.73 -26.57
C ALA B 276 -14.50 -6.77 -25.71
N LEU B 277 -13.88 -7.31 -24.69
CA LEU B 277 -12.95 -6.53 -23.89
C LEU B 277 -11.85 -5.93 -24.73
N VAL B 278 -11.14 -6.71 -25.54
CA VAL B 278 -10.00 -6.11 -26.23
C VAL B 278 -10.39 -5.12 -27.36
N LYS B 279 -11.61 -5.25 -27.84
CA LYS B 279 -12.13 -4.29 -28.83
C LYS B 279 -12.84 -3.12 -28.15
N HIS B 280 -12.90 -3.08 -26.81
CA HIS B 280 -13.68 -2.06 -26.12
C HIS B 280 -13.11 -0.66 -26.31
N SER B 281 -14.00 0.31 -26.51
CA SER B 281 -13.61 1.69 -26.80
C SER B 281 -12.77 2.32 -25.71
N VAL B 282 -13.09 1.96 -24.47
CA VAL B 282 -12.33 2.34 -23.29
C VAL B 282 -10.84 1.99 -23.37
N LEU B 283 -10.52 0.88 -24.04
CA LEU B 283 -9.15 0.40 -24.15
C LEU B 283 -8.49 0.76 -25.47
N LEU B 284 -9.20 1.51 -26.30
CA LEU B 284 -8.65 1.99 -27.57
C LEU B 284 -7.37 2.78 -27.43
N SER B 285 -7.40 3.73 -26.49
CA SER B 285 -6.23 4.46 -26.04
C SER B 285 -5.04 3.64 -25.53
N ALA B 286 -5.28 2.43 -25.03
CA ALA B 286 -4.19 1.58 -24.58
C ALA B 286 -3.60 0.74 -25.69
N SER B 287 -4.28 0.68 -26.84
CA SER B 287 -3.93 -0.23 -27.92
C SER B 287 -2.72 0.31 -28.65
N ARG B 288 -1.63 -0.45 -28.57
CA ARG B 288 -0.32 0.08 -28.93
C ARG B 288 -0.08 -0.05 -30.43
#